data_8P2Z
#
_entry.id   8P2Z
#
_cell.length_a   1.00
_cell.length_b   1.00
_cell.length_c   1.00
_cell.angle_alpha   90.00
_cell.angle_beta   90.00
_cell.angle_gamma   90.00
#
_symmetry.space_group_name_H-M   'P 1'
#
loop_
_entity.id
_entity.type
_entity.pdbx_description
1 polymer 'Processed angiotensin-converting enzyme 2'
2 polymer 'Sodium- and chloride-dependent transporter XTRP3'
3 non-polymer 2-acetamido-2-deoxy-beta-D-glucopyranose
4 non-polymer '(2S)-piperidine-2-carboxylic acid'
5 non-polymer 'CHLORIDE ION'
#
loop_
_entity_poly.entity_id
_entity_poly.type
_entity_poly.pdbx_seq_one_letter_code
_entity_poly.pdbx_strand_id
1 'polypeptide(L)'
;MSSSSWLLLSLVAVTAADYKDDDDKSTIEEQAKTFLDKFNHEAEDLFYQSSLASWNYNTNITEENVQNMNNAGDKWSAFL
KEQSTLAQMYPLQEIQNLTVKLQLQALQQNGSSVLSEDKSKRLNTILNTMSTIYSTGKVCNPDNPQECLLLEPGLNEIMA
NSLDYNERLWAWESWRSEVGKQLRPLYEEYVVLKNEMARANHYEDYGDYWRGDYEVNGVDGYDYSRGQLIEDVEHTFEEI
KPLYEHLHAYVRAKLMNAYPSYISPIGCLPAHLLGDMWGRFWTNLYSLTVPFGQKPNIDVTDAMVDQAWDAQRIFKEAEK
FFVSVGLPNMTQGFWENSMLTDPGNVQKAVCHPTAWDLGKGDFRILMCTKVTMDDFLTAHHEMGHIQYDMAYAAQPFLLR
NGANEGFHEAVGEIMSLSAATPKHLKSIGLLSPDFQEDNETEINFLLKQALTIVGTLPFTYMLEKWRWMVFKGEIPKDQW
MKKWWEMKREIVGVVEPVPHDETYCDPASLFHVSNDYSFIRYYTRTLYQFQFQEALCQAAKHEGPLHKCDISNSTEAGQK
LFNMLRLGKSEPWTLALENVVGAKNMNVRPLLNYFEPLFTWLKDQNKNSFVGWSTDWSPYADQSIKVRISLKSALGDKAY
EWNDNEMYLFRSSVAYAMRQYFLKVKNQMILFGEEDVRVANLKPRISFNFFVTAPKNVSDIIPRTEVEKAIRMSRSRIND
AFRLNDNSLEFLGIQPTLGPPNQPPVSIWLIVFGVVMGVIVVGIVILIFTGIRDRKKKNKARSGENPYASIDISKGENNP
GFQNTDDVQTSF
;
A
2 'polypeptide(L)'
;MEKARPLWANSLQFVFACISYAVGLGNVWRFPYLCQMYGGGSFLVPYIIMLIVEGMPLLYLELAVGQRMRQGSIGAWRTI
SPYLSGVGVASVVVSFFLSMYYNVINAWAFWYLFHSFQDPLPWSVCPLNGNHTGYDEECEKASSTQYFWYRKTLNISPSL
QENGGVQWEPALCLLLAWLVVYLCILRGTESTGKVVYFTASLPYCVLIIYLIRGLTLHGATNGLMYMFTPKIEQLANPKA
WINAATQIFFSLGLGFGSLIAFASYNEPSNNCQKHAIIVSLINSFTSIFASIVTFSIYGFKATFNYENCLKKVSLLLTNT
FDLEDGFLTASNLEQVKGYLASAYPSKYSEMFPQIKNCSLESELDTAVQGTGLAFIVYTEAIKNMEVSQLWSVLYFFMLL
MLGIGSMLGNTAAILTPLTDSKIISSHLPKEAISGLVCLVNCAIGMVFTMEAGNYWFDIFNDYAATLSLLLIVLVETIAV
CYVYGLRRFESDLKAMTGRAVSWYWKVMWAGVSPLLIVSLFVFYLSDYILTGTLKYQAWDASQGQLVTKDYPAYALAVIG
LLVASSTMCIPLAALGTFVQRRLKRGDADPVAAENLYFQSHHHHHHHHHHGSAWSHPQFEKGGGSGGGSGGSAWSHPQFE
K
;
C
#
# COMPACT_ATOMS: atom_id res chain seq x y z
N SER A 747 16.18 3.21 -26.88
CA SER A 747 15.32 2.66 -25.84
C SER A 747 13.90 3.17 -26.00
N ILE A 748 12.95 2.25 -26.18
CA ILE A 748 11.57 2.63 -26.41
C ILE A 748 10.94 3.29 -25.19
N TRP A 749 11.28 2.83 -23.98
CA TRP A 749 10.73 3.44 -22.78
C TRP A 749 11.09 4.91 -22.70
N LEU A 750 12.31 5.26 -23.11
CA LEU A 750 12.71 6.66 -23.09
C LEU A 750 11.88 7.49 -24.07
N ILE A 751 11.61 6.96 -25.25
CA ILE A 751 10.79 7.69 -26.22
C ILE A 751 9.39 7.91 -25.68
N VAL A 752 8.79 6.87 -25.11
CA VAL A 752 7.43 7.01 -24.59
C VAL A 752 7.40 7.99 -23.44
N PHE A 753 8.38 7.92 -22.52
CA PHE A 753 8.46 8.86 -21.42
C PHE A 753 8.65 10.29 -21.91
N GLY A 754 9.50 10.49 -22.92
CA GLY A 754 9.68 11.82 -23.46
C GLY A 754 8.39 12.39 -24.03
N VAL A 755 7.66 11.58 -24.78
CA VAL A 755 6.38 12.03 -25.35
C VAL A 755 5.41 12.40 -24.24
N VAL A 756 5.28 11.52 -23.24
CA VAL A 756 4.32 11.76 -22.17
C VAL A 756 4.69 13.01 -21.38
N MET A 757 5.97 13.16 -21.02
CA MET A 757 6.37 14.33 -20.26
C MET A 757 6.19 15.61 -21.06
N GLY A 758 6.48 15.57 -22.36
CA GLY A 758 6.25 16.74 -23.18
C GLY A 758 4.80 17.17 -23.20
N VAL A 759 3.89 16.21 -23.40
CA VAL A 759 2.47 16.57 -23.48
C VAL A 759 1.97 17.07 -22.14
N ILE A 760 2.44 16.45 -21.04
CA ILE A 760 2.01 16.89 -19.71
C ILE A 760 2.51 18.30 -19.42
N VAL A 761 3.77 18.59 -19.78
CA VAL A 761 4.32 19.92 -19.53
C VAL A 761 3.59 20.97 -20.35
N VAL A 762 3.29 20.67 -21.62
CA VAL A 762 2.55 21.63 -22.44
C VAL A 762 1.17 21.88 -21.83
N GLY A 763 0.52 20.82 -21.34
CA GLY A 763 -0.76 21.00 -20.68
C GLY A 763 -0.68 21.88 -19.46
N ILE A 764 0.31 21.65 -18.60
CA ILE A 764 0.47 22.48 -17.41
C ILE A 764 0.72 23.93 -17.80
N VAL A 765 1.58 24.15 -18.79
CA VAL A 765 1.91 25.52 -19.20
C VAL A 765 0.67 26.24 -19.72
N ILE A 766 -0.11 25.57 -20.57
CA ILE A 766 -1.28 26.23 -21.14
C ILE A 766 -2.31 26.50 -20.05
N LEU A 767 -2.46 25.57 -19.10
CA LEU A 767 -3.45 25.79 -18.04
C LEU A 767 -3.04 26.95 -17.14
N ILE A 768 -1.76 27.03 -16.76
CA ILE A 768 -1.31 28.14 -15.93
C ILE A 768 -1.48 29.46 -16.67
N PHE A 769 -1.10 29.50 -17.96
CA PHE A 769 -1.21 30.73 -18.72
C PHE A 769 -2.65 31.18 -18.87
N THR A 770 -3.55 30.24 -19.17
CA THR A 770 -4.96 30.60 -19.30
C THR A 770 -5.54 31.08 -17.97
N GLY A 771 -5.18 30.41 -16.86
CA GLY A 771 -5.67 30.85 -15.57
C GLY A 771 -5.20 32.24 -15.20
N ILE A 772 -3.93 32.53 -15.46
CA ILE A 772 -3.40 33.86 -15.16
C ILE A 772 -4.05 34.91 -16.05
N ARG A 773 -4.21 34.61 -17.34
CA ARG A 773 -4.77 35.57 -18.28
C ARG A 773 -6.25 35.85 -17.97
N ASP A 774 -6.98 34.84 -17.51
CA ASP A 774 -8.37 35.05 -17.15
C ASP A 774 -8.50 36.02 -15.98
N ARG A 775 -7.59 35.91 -15.00
CA ARG A 775 -7.60 36.80 -13.85
C ARG A 775 -6.66 37.99 -14.08
N ASN B 10 -28.25 13.44 -4.46
CA ASN B 10 -27.04 13.95 -3.82
C ASN B 10 -26.27 12.84 -3.12
N SER B 11 -26.99 11.77 -2.78
CA SER B 11 -26.36 10.61 -2.14
C SER B 11 -25.33 9.94 -3.02
N LEU B 12 -25.63 9.78 -4.32
CA LEU B 12 -24.70 9.13 -5.23
C LEU B 12 -23.39 9.89 -5.31
N GLN B 13 -23.45 11.21 -5.38
CA GLN B 13 -22.25 12.05 -5.48
C GLN B 13 -21.35 11.84 -4.27
N PHE B 14 -21.91 11.97 -3.07
CA PHE B 14 -21.11 11.84 -1.85
C PHE B 14 -20.56 10.42 -1.69
N VAL B 15 -21.40 9.42 -1.95
CA VAL B 15 -20.97 8.03 -1.79
C VAL B 15 -19.84 7.71 -2.76
N PHE B 16 -19.96 8.14 -4.02
CA PHE B 16 -18.92 7.86 -4.99
C PHE B 16 -17.66 8.68 -4.74
N ALA B 17 -17.80 9.89 -4.20
CA ALA B 17 -16.61 10.65 -3.81
C ALA B 17 -15.84 9.93 -2.70
N CYS B 18 -16.56 9.44 -1.69
CA CYS B 18 -15.90 8.71 -0.61
C CYS B 18 -15.29 7.41 -1.11
N ILE B 19 -15.98 6.72 -2.02
CA ILE B 19 -15.45 5.48 -2.57
C ILE B 19 -14.18 5.74 -3.37
N SER B 20 -14.22 6.75 -4.25
CA SER B 20 -13.06 7.11 -5.05
C SER B 20 -11.90 7.54 -4.19
N TYR B 21 -12.15 8.19 -3.05
CA TYR B 21 -11.07 8.51 -2.13
C TYR B 21 -10.51 7.23 -1.49
N ALA B 22 -11.39 6.38 -0.97
CA ALA B 22 -10.96 5.21 -0.21
C ALA B 22 -10.31 4.15 -1.10
N VAL B 23 -10.89 3.86 -2.25
CA VAL B 23 -10.36 2.81 -3.12
C VAL B 23 -9.15 3.37 -3.87
N GLY B 24 -7.97 2.89 -3.50
CA GLY B 24 -6.73 3.33 -4.11
C GLY B 24 -5.70 2.23 -4.08
N LEU B 25 -4.44 2.61 -3.92
CA LEU B 25 -3.36 1.63 -3.88
C LEU B 25 -3.31 0.87 -2.56
N GLY B 26 -3.98 1.35 -1.51
CA GLY B 26 -4.03 0.60 -0.28
C GLY B 26 -4.84 -0.68 -0.39
N ASN B 27 -5.77 -0.71 -1.35
CA ASN B 27 -6.59 -1.89 -1.55
C ASN B 27 -5.92 -2.89 -2.49
N VAL B 28 -5.35 -2.40 -3.59
CA VAL B 28 -4.81 -3.29 -4.61
C VAL B 28 -3.34 -3.65 -4.39
N TRP B 29 -2.56 -2.75 -3.80
CA TRP B 29 -1.12 -2.96 -3.65
C TRP B 29 -0.72 -3.31 -2.23
N ARG B 30 -1.14 -2.53 -1.24
CA ARG B 30 -0.67 -2.73 0.13
C ARG B 30 -1.29 -3.96 0.78
N PHE B 31 -2.60 -4.17 0.59
CA PHE B 31 -3.26 -5.31 1.23
C PHE B 31 -2.67 -6.65 0.83
N PRO B 32 -2.40 -6.93 -0.45
CA PRO B 32 -1.83 -8.24 -0.79
C PRO B 32 -0.50 -8.53 -0.12
N TYR B 33 0.46 -7.61 -0.14
CA TYR B 33 1.74 -7.95 0.47
C TYR B 33 1.66 -7.94 1.99
N LEU B 34 0.77 -7.12 2.56
CA LEU B 34 0.56 -7.20 4.00
C LEU B 34 -0.02 -8.54 4.41
N CYS B 35 -0.97 -9.06 3.61
CA CYS B 35 -1.52 -10.37 3.89
C CYS B 35 -0.48 -11.46 3.74
N GLN B 36 0.35 -11.38 2.70
CA GLN B 36 1.39 -12.39 2.49
C GLN B 36 2.42 -12.37 3.61
N MET B 37 2.81 -11.17 4.06
CA MET B 37 3.87 -11.06 5.06
C MET B 37 3.47 -11.70 6.39
N TYR B 38 2.20 -11.52 6.80
CA TYR B 38 1.75 -11.93 8.12
C TYR B 38 0.91 -13.21 8.08
N GLY B 39 1.20 -14.12 7.16
CA GLY B 39 0.66 -15.47 7.22
C GLY B 39 -0.59 -15.73 6.41
N GLY B 40 -1.08 -14.76 5.64
CA GLY B 40 -2.27 -15.00 4.86
C GLY B 40 -3.54 -14.98 5.69
N GLY B 41 -4.12 -16.15 5.93
CA GLY B 41 -5.32 -16.22 6.75
C GLY B 41 -5.11 -15.65 8.14
N SER B 42 -3.92 -15.87 8.70
CA SER B 42 -3.60 -15.33 10.02
C SER B 42 -3.67 -13.81 10.05
N PHE B 43 -3.61 -13.16 8.89
CA PHE B 43 -3.83 -11.72 8.80
C PHE B 43 -5.26 -11.36 8.42
N LEU B 44 -5.96 -12.24 7.70
CA LEU B 44 -7.29 -11.90 7.23
C LEU B 44 -8.32 -11.98 8.33
N VAL B 45 -8.15 -12.91 9.27
CA VAL B 45 -9.07 -13.04 10.40
C VAL B 45 -9.04 -11.79 11.27
N PRO B 46 -7.88 -11.25 11.66
CA PRO B 46 -7.90 -9.99 12.41
C PRO B 46 -8.49 -8.83 11.61
N TYR B 47 -8.15 -8.74 10.32
CA TYR B 47 -8.67 -7.68 9.46
C TYR B 47 -10.18 -7.53 9.60
N ILE B 48 -10.92 -8.58 9.28
CA ILE B 48 -12.37 -8.56 9.45
C ILE B 48 -12.73 -8.22 10.89
N ILE B 49 -12.05 -8.85 11.85
CA ILE B 49 -12.31 -8.54 13.25
C ILE B 49 -12.05 -7.08 13.55
N MET B 50 -11.01 -6.52 12.93
CA MET B 50 -10.71 -5.11 13.15
C MET B 50 -11.53 -4.18 12.27
N LEU B 51 -12.35 -4.72 11.37
CA LEU B 51 -13.18 -3.85 10.53
C LEU B 51 -14.51 -3.57 11.21
N ILE B 52 -15.10 -4.57 11.86
CA ILE B 52 -16.36 -4.37 12.55
C ILE B 52 -16.19 -3.47 13.76
N VAL B 53 -15.03 -3.55 14.41
CA VAL B 53 -14.79 -2.83 15.66
C VAL B 53 -14.18 -1.45 15.41
N GLU B 54 -13.22 -1.36 14.49
CA GLU B 54 -12.48 -0.12 14.30
C GLU B 54 -12.92 0.64 13.05
N GLY B 55 -13.16 -0.05 11.93
CA GLY B 55 -13.51 0.63 10.71
C GLY B 55 -14.85 1.34 10.71
N MET B 56 -15.92 0.55 10.81
CA MET B 56 -17.27 1.12 10.67
C MET B 56 -17.57 2.18 11.72
N PRO B 57 -17.41 1.93 13.03
CA PRO B 57 -17.82 2.94 14.01
C PRO B 57 -17.06 4.24 13.89
N LEU B 58 -15.75 4.18 13.68
CA LEU B 58 -14.96 5.40 13.58
C LEU B 58 -15.17 6.13 12.27
N LEU B 59 -15.38 5.42 11.16
CA LEU B 59 -15.77 6.09 9.92
C LEU B 59 -17.09 6.81 10.08
N TYR B 60 -18.07 6.17 10.72
CA TYR B 60 -19.33 6.83 10.99
C TYR B 60 -19.16 8.03 11.91
N LEU B 61 -18.28 7.94 12.91
CA LEU B 61 -18.03 9.07 13.80
C LEU B 61 -17.42 10.24 13.04
N GLU B 62 -16.46 9.96 12.15
CA GLU B 62 -15.88 11.02 11.32
C GLU B 62 -16.94 11.68 10.45
N LEU B 63 -17.78 10.86 9.81
CA LEU B 63 -18.81 11.43 8.94
C LEU B 63 -19.83 12.24 9.72
N ALA B 64 -20.12 11.84 10.96
CA ALA B 64 -21.07 12.60 11.78
C ALA B 64 -20.45 13.90 12.29
N VAL B 65 -19.17 13.88 12.66
CA VAL B 65 -18.50 15.10 13.09
C VAL B 65 -18.41 16.08 11.94
N GLY B 66 -18.18 15.59 10.72
CA GLY B 66 -18.19 16.47 9.56
C GLY B 66 -19.51 17.18 9.36
N GLN B 67 -20.61 16.57 9.75
CA GLN B 67 -21.93 17.15 9.56
C GLN B 67 -22.38 18.05 10.69
N ARG B 68 -22.20 17.63 11.96
CA ARG B 68 -22.76 18.41 13.05
C ARG B 68 -21.99 19.72 13.25
N MET B 69 -20.67 19.68 13.05
CA MET B 69 -19.84 20.89 12.96
C MET B 69 -20.07 21.66 11.67
N ARG B 70 -20.12 20.94 10.55
CA ARG B 70 -20.19 21.55 9.22
C ARG B 70 -19.02 22.49 8.96
N GLN B 71 -17.85 22.18 9.54
CA GLN B 71 -16.62 22.92 9.32
C GLN B 71 -15.53 21.97 8.83
N GLY B 72 -14.33 22.51 8.66
CA GLY B 72 -13.17 21.71 8.33
C GLY B 72 -12.63 20.97 9.53
N SER B 73 -11.61 20.15 9.29
CA SER B 73 -11.01 19.35 10.35
C SER B 73 -10.48 20.24 11.47
N ILE B 74 -9.63 21.20 11.11
CA ILE B 74 -9.08 22.12 12.10
C ILE B 74 -10.20 22.94 12.73
N GLY B 75 -11.13 23.42 11.91
CA GLY B 75 -12.25 24.19 12.45
C GLY B 75 -13.10 23.39 13.41
N ALA B 76 -13.40 22.13 13.06
CA ALA B 76 -14.21 21.29 13.93
C ALA B 76 -13.50 21.03 15.26
N TRP B 77 -12.26 20.55 15.19
CA TRP B 77 -11.54 20.20 16.40
C TRP B 77 -11.10 21.43 17.19
N ARG B 78 -11.22 22.63 16.63
CA ARG B 78 -11.00 23.86 17.38
C ARG B 78 -12.29 24.38 18.00
N THR B 79 -13.43 24.19 17.33
CA THR B 79 -14.72 24.59 17.87
C THR B 79 -15.18 23.67 18.99
N ILE B 80 -14.84 22.38 18.96
CA ILE B 80 -15.16 21.52 20.09
C ILE B 80 -14.47 22.02 21.35
N SER B 81 -13.19 22.37 21.25
CA SER B 81 -12.42 22.96 22.35
C SER B 81 -11.11 23.51 21.81
N PRO B 82 -10.69 24.71 22.25
CA PRO B 82 -9.41 25.25 21.77
C PRO B 82 -8.21 24.37 22.12
N TYR B 83 -8.18 23.78 23.31
CA TYR B 83 -7.06 22.99 23.79
C TYR B 83 -6.79 21.77 22.92
N LEU B 84 -7.56 21.61 21.85
CA LEU B 84 -7.57 20.39 21.06
C LEU B 84 -7.26 20.70 19.60
N SER B 85 -7.14 22.01 19.29
CA SER B 85 -6.96 22.45 17.92
C SER B 85 -5.77 21.78 17.23
N GLY B 86 -4.75 21.39 18.00
CA GLY B 86 -3.60 20.71 17.43
C GLY B 86 -3.92 19.48 16.63
N VAL B 87 -4.96 18.72 16.99
CA VAL B 87 -5.28 17.52 16.23
C VAL B 87 -5.75 17.85 14.83
N GLY B 88 -6.09 19.10 14.56
CA GLY B 88 -6.38 19.50 13.20
C GLY B 88 -5.12 19.74 12.41
N VAL B 89 -4.09 20.26 13.08
CA VAL B 89 -2.81 20.49 12.42
C VAL B 89 -2.12 19.16 12.14
N ALA B 90 -2.09 18.27 13.13
CA ALA B 90 -1.41 16.99 12.97
C ALA B 90 -2.03 16.18 11.85
N SER B 91 -3.36 16.21 11.75
CA SER B 91 -4.03 15.48 10.68
C SER B 91 -3.60 15.96 9.30
N VAL B 92 -3.10 17.18 9.19
CA VAL B 92 -2.51 17.63 7.94
C VAL B 92 -1.12 17.03 7.75
N VAL B 93 -0.30 17.08 8.81
CA VAL B 93 1.10 16.68 8.70
C VAL B 93 1.21 15.24 8.22
N VAL B 94 0.39 14.35 8.77
CA VAL B 94 0.41 12.95 8.34
C VAL B 94 0.20 12.87 6.83
N SER B 95 -0.82 13.58 6.32
CA SER B 95 -1.06 13.59 4.89
C SER B 95 0.21 13.99 4.14
N PHE B 96 0.89 15.02 4.63
CA PHE B 96 2.16 15.43 4.03
C PHE B 96 3.07 14.24 3.85
N PHE B 97 3.36 13.53 4.95
CA PHE B 97 4.28 12.40 4.88
C PHE B 97 3.76 11.36 3.89
N LEU B 98 2.45 11.11 3.90
CA LEU B 98 1.89 10.19 2.93
C LEU B 98 2.18 10.67 1.50
N SER B 99 1.84 11.93 1.21
CA SER B 99 2.09 12.46 -0.12
C SER B 99 3.57 12.50 -0.43
N MET B 100 4.43 12.39 0.60
CA MET B 100 5.85 12.41 0.37
C MET B 100 6.33 11.13 -0.30
N TYR B 101 5.70 9.99 0.02
CA TYR B 101 6.16 8.71 -0.48
C TYR B 101 5.17 7.98 -1.35
N TYR B 102 3.87 8.23 -1.19
CA TYR B 102 2.85 7.56 -1.99
C TYR B 102 3.14 7.67 -3.47
N ASN B 103 3.53 8.86 -3.93
CA ASN B 103 3.79 9.09 -5.35
C ASN B 103 4.84 8.15 -5.91
N VAL B 104 5.79 7.71 -5.08
CA VAL B 104 6.80 6.78 -5.57
C VAL B 104 6.13 5.57 -6.20
N ILE B 105 5.09 5.04 -5.55
CA ILE B 105 4.38 3.89 -6.11
C ILE B 105 3.91 4.20 -7.53
N ASN B 106 3.26 5.36 -7.70
CA ASN B 106 2.81 5.75 -9.03
C ASN B 106 3.97 5.80 -10.00
N ALA B 107 5.10 6.37 -9.56
CA ALA B 107 6.27 6.42 -10.42
C ALA B 107 6.62 5.02 -10.91
N TRP B 108 6.66 4.05 -10.00
CA TRP B 108 6.99 2.69 -10.37
C TRP B 108 6.05 2.19 -11.45
N ALA B 109 4.75 2.42 -11.27
CA ALA B 109 3.78 2.00 -12.28
C ALA B 109 4.11 2.63 -13.63
N PHE B 110 4.40 3.93 -13.64
CA PHE B 110 4.80 4.58 -14.88
C PHE B 110 5.96 3.83 -15.53
N TRP B 111 6.99 3.52 -14.73
CA TRP B 111 8.11 2.74 -15.24
C TRP B 111 7.60 1.45 -15.86
N TYR B 112 6.80 0.69 -15.11
CA TYR B 112 6.29 -0.57 -15.61
C TYR B 112 5.38 -0.39 -16.82
N LEU B 113 4.78 0.80 -16.97
CA LEU B 113 4.01 1.05 -18.18
C LEU B 113 4.95 1.24 -19.37
N PHE B 114 5.99 2.05 -19.19
CA PHE B 114 6.82 2.42 -20.33
C PHE B 114 7.61 1.23 -20.86
N HIS B 115 7.98 0.31 -19.96
CA HIS B 115 8.54 -0.97 -20.40
C HIS B 115 7.43 -1.99 -20.65
N SER B 116 6.43 -1.57 -21.42
CA SER B 116 5.37 -2.49 -21.82
C SER B 116 5.06 -2.41 -23.31
N PHE B 117 5.88 -1.73 -24.10
CA PHE B 117 5.70 -1.62 -25.54
C PHE B 117 6.81 -2.34 -26.29
N GLN B 118 7.32 -3.43 -25.71
CA GLN B 118 8.43 -4.18 -26.28
C GLN B 118 8.01 -5.63 -26.49
N ASP B 119 8.33 -6.19 -27.66
CA ASP B 119 8.01 -7.59 -27.90
C ASP B 119 8.75 -8.50 -26.93
N PRO B 120 10.08 -8.39 -26.73
CA PRO B 120 10.72 -9.15 -25.66
C PRO B 120 10.58 -8.43 -24.32
N LEU B 121 9.47 -8.67 -23.62
CA LEU B 121 9.19 -7.94 -22.39
C LEU B 121 10.35 -8.09 -21.41
N PRO B 122 10.77 -7.00 -20.76
CA PRO B 122 11.99 -7.06 -19.94
C PRO B 122 11.93 -8.08 -18.81
N TRP B 123 10.75 -8.32 -18.25
CA TRP B 123 10.59 -9.26 -17.14
C TRP B 123 10.24 -10.65 -17.61
N SER B 124 10.27 -10.90 -18.92
CA SER B 124 9.95 -12.20 -19.48
C SER B 124 11.17 -13.10 -19.66
N VAL B 125 12.27 -12.56 -20.17
CA VAL B 125 13.47 -13.34 -20.48
C VAL B 125 14.65 -12.76 -19.72
N CYS B 126 15.41 -13.63 -19.05
CA CYS B 126 16.61 -13.19 -18.37
C CYS B 126 17.70 -12.83 -19.39
N PRO B 127 18.59 -11.91 -19.03
CA PRO B 127 19.71 -11.59 -19.93
C PRO B 127 20.72 -12.73 -19.99
N LEU B 128 21.53 -12.69 -21.05
CA LEU B 128 22.53 -13.73 -21.24
C LEU B 128 23.70 -13.54 -20.28
N ASN B 129 24.30 -14.66 -19.85
CA ASN B 129 25.28 -14.63 -18.78
C ASN B 129 26.54 -13.86 -19.18
N GLY B 130 26.99 -14.02 -20.42
CA GLY B 130 28.24 -13.44 -20.86
C GLY B 130 29.01 -14.39 -21.76
N ASN B 131 28.87 -15.70 -21.51
CA ASN B 131 29.29 -16.70 -22.47
C ASN B 131 28.37 -16.74 -23.68
N HIS B 132 27.17 -16.16 -23.57
CA HIS B 132 26.09 -16.35 -24.55
C HIS B 132 25.69 -17.81 -24.68
N THR B 133 25.71 -18.54 -23.57
CA THR B 133 25.26 -19.93 -23.53
C THR B 133 24.27 -20.22 -22.43
N GLY B 134 24.12 -19.34 -21.44
CA GLY B 134 23.21 -19.53 -20.34
C GLY B 134 22.59 -18.22 -19.90
N TYR B 135 22.18 -18.19 -18.64
CA TYR B 135 21.51 -17.04 -18.05
C TYR B 135 22.32 -16.51 -16.88
N ASP B 136 21.96 -15.31 -16.42
CA ASP B 136 22.65 -14.70 -15.29
C ASP B 136 22.44 -15.53 -14.03
N GLU B 137 23.43 -15.48 -13.14
CA GLU B 137 23.34 -16.23 -11.89
C GLU B 137 22.20 -15.71 -11.02
N GLU B 138 22.13 -14.39 -10.81
CA GLU B 138 21.08 -13.84 -9.97
C GLU B 138 19.72 -13.89 -10.66
N CYS B 139 19.68 -13.74 -11.98
CA CYS B 139 18.42 -13.85 -12.70
C CYS B 139 17.90 -15.28 -12.73
N GLU B 140 18.77 -16.27 -12.57
CA GLU B 140 18.34 -17.66 -12.50
C GLU B 140 17.96 -18.07 -11.09
N LYS B 141 18.74 -17.65 -10.09
CA LYS B 141 18.40 -17.96 -8.71
C LYS B 141 17.07 -17.33 -8.32
N ALA B 142 16.85 -16.08 -8.72
CA ALA B 142 15.56 -15.43 -8.57
C ALA B 142 14.75 -15.64 -9.84
N SER B 143 13.60 -15.00 -9.94
CA SER B 143 12.82 -15.06 -11.16
C SER B 143 13.16 -13.88 -12.05
N SER B 144 12.74 -13.96 -13.32
CA SER B 144 12.94 -12.84 -14.23
C SER B 144 12.20 -11.60 -13.74
N THR B 145 10.97 -11.78 -13.27
CA THR B 145 10.21 -10.66 -12.72
C THR B 145 10.89 -10.08 -11.49
N GLN B 146 11.34 -10.94 -10.58
CA GLN B 146 12.04 -10.45 -9.39
C GLN B 146 13.35 -9.78 -9.74
N TYR B 147 14.08 -10.33 -10.72
CA TYR B 147 15.32 -9.69 -11.15
C TYR B 147 15.05 -8.31 -11.74
N PHE B 148 13.99 -8.18 -12.55
CA PHE B 148 13.65 -6.88 -13.11
C PHE B 148 13.25 -5.90 -12.02
N TRP B 149 12.48 -6.35 -11.03
CA TRP B 149 12.00 -5.45 -10.00
C TRP B 149 13.12 -5.01 -9.07
N TYR B 150 14.00 -5.93 -8.68
CA TYR B 150 15.02 -5.61 -7.69
C TYR B 150 16.30 -5.05 -8.28
N ARG B 151 16.59 -5.33 -9.55
CA ARG B 151 17.81 -4.83 -10.16
C ARG B 151 17.57 -3.84 -11.28
N LYS B 152 16.70 -4.16 -12.23
CA LYS B 152 16.47 -3.25 -13.34
C LYS B 152 15.61 -2.06 -12.95
N THR B 153 14.74 -2.20 -11.96
CA THR B 153 13.84 -1.13 -11.55
C THR B 153 14.40 -0.29 -10.42
N LEU B 154 14.71 -0.91 -9.27
CA LEU B 154 15.26 -0.16 -8.14
C LEU B 154 16.77 -0.17 -8.09
N ASN B 155 17.43 -1.21 -8.60
CA ASN B 155 18.85 -1.43 -8.40
C ASN B 155 19.18 -1.40 -6.90
N ILE B 156 18.43 -2.19 -6.14
CA ILE B 156 18.45 -2.11 -4.70
C ILE B 156 19.83 -2.49 -4.17
N SER B 157 20.33 -1.70 -3.23
CA SER B 157 21.60 -1.96 -2.58
C SER B 157 21.46 -3.09 -1.56
N PRO B 158 22.50 -3.88 -1.34
CA PRO B 158 22.39 -5.02 -0.41
C PRO B 158 22.08 -4.64 1.02
N SER B 159 22.35 -3.40 1.44
CA SER B 159 22.09 -2.99 2.81
C SER B 159 21.76 -1.51 2.86
N LEU B 160 21.09 -1.10 3.94
CA LEU B 160 20.70 0.29 4.11
C LEU B 160 21.92 1.20 4.27
N GLN B 161 22.99 0.69 4.89
CA GLN B 161 24.18 1.51 5.09
C GLN B 161 24.85 1.86 3.77
N GLU B 162 24.65 1.02 2.75
CA GLU B 162 25.24 1.24 1.43
C GLU B 162 24.20 1.92 0.54
N ASN B 163 24.47 3.17 0.15
CA ASN B 163 23.63 3.88 -0.80
C ASN B 163 24.50 4.62 -1.78
N GLY B 164 24.04 4.70 -3.03
CA GLY B 164 24.77 5.40 -4.06
C GLY B 164 24.21 6.80 -4.31
N GLY B 165 24.16 7.20 -5.57
CA GLY B 165 23.58 8.47 -5.95
C GLY B 165 22.14 8.33 -6.36
N VAL B 166 21.56 9.44 -6.80
CA VAL B 166 20.17 9.46 -7.25
C VAL B 166 20.08 8.79 -8.61
N GLN B 167 19.39 7.65 -8.67
CA GLN B 167 19.16 6.97 -9.93
C GLN B 167 18.30 7.85 -10.82
N TRP B 168 18.81 8.20 -12.01
CA TRP B 168 18.13 9.22 -12.81
C TRP B 168 16.82 8.72 -13.39
N GLU B 169 16.73 7.43 -13.74
CA GLU B 169 15.48 6.92 -14.30
C GLU B 169 14.32 6.95 -13.30
N PRO B 170 14.46 6.42 -12.07
CA PRO B 170 13.37 6.59 -11.10
C PRO B 170 13.10 8.04 -10.76
N ALA B 171 14.14 8.89 -10.75
CA ALA B 171 13.92 10.31 -10.49
C ALA B 171 13.06 10.93 -11.57
N LEU B 172 13.33 10.61 -12.83
CA LEU B 172 12.50 11.13 -13.92
C LEU B 172 11.08 10.59 -13.84
N CYS B 173 10.91 9.30 -13.49
CA CYS B 173 9.57 8.77 -13.37
C CYS B 173 8.79 9.45 -12.25
N LEU B 174 9.43 9.70 -11.11
CA LEU B 174 8.77 10.40 -10.01
C LEU B 174 8.45 11.84 -10.40
N LEU B 175 9.35 12.50 -11.12
CA LEU B 175 9.08 13.84 -11.62
C LEU B 175 7.88 13.85 -12.54
N LEU B 176 7.79 12.86 -13.43
CA LEU B 176 6.64 12.77 -14.32
C LEU B 176 5.35 12.54 -13.55
N ALA B 177 5.38 11.67 -12.54
CA ALA B 177 4.18 11.43 -11.74
C ALA B 177 3.73 12.71 -11.02
N TRP B 178 4.69 13.46 -10.47
CA TRP B 178 4.32 14.70 -9.81
C TRP B 178 3.81 15.74 -10.78
N LEU B 179 4.36 15.79 -11.99
CA LEU B 179 3.83 16.69 -13.01
C LEU B 179 2.40 16.32 -13.36
N VAL B 180 2.11 15.02 -13.49
CA VAL B 180 0.75 14.59 -13.78
C VAL B 180 -0.19 14.97 -12.65
N VAL B 181 0.24 14.79 -11.40
CA VAL B 181 -0.59 15.18 -10.26
C VAL B 181 -0.85 16.69 -10.27
N TYR B 182 0.17 17.50 -10.55
CA TYR B 182 -0.01 18.94 -10.60
C TYR B 182 -0.96 19.35 -11.72
N LEU B 183 -0.84 18.69 -12.89
CA LEU B 183 -1.76 18.97 -13.99
C LEU B 183 -3.19 18.62 -13.61
N CYS B 184 -3.40 17.47 -12.96
CA CYS B 184 -4.74 17.12 -12.51
C CYS B 184 -5.27 18.10 -11.47
N ILE B 185 -4.39 18.62 -10.61
CA ILE B 185 -4.81 19.62 -9.65
C ILE B 185 -5.30 20.89 -10.36
N LEU B 186 -4.51 21.36 -11.32
CA LEU B 186 -4.85 22.61 -12.00
C LEU B 186 -6.08 22.46 -12.87
N ARG B 187 -6.25 21.30 -13.52
CA ARG B 187 -7.24 21.18 -14.58
C ARG B 187 -8.66 21.12 -14.05
N GLY B 188 -8.97 20.10 -13.25
CA GLY B 188 -10.35 19.81 -12.88
C GLY B 188 -10.56 19.73 -11.38
N THR B 189 -11.72 20.21 -10.94
CA THR B 189 -12.12 20.08 -9.54
C THR B 189 -13.56 19.60 -9.34
N GLU B 190 -14.44 19.75 -10.34
CA GLU B 190 -15.83 19.31 -10.22
C GLU B 190 -16.34 18.55 -11.42
N SER B 191 -15.49 18.29 -12.42
CA SER B 191 -15.88 17.58 -13.63
C SER B 191 -15.82 16.07 -13.49
N THR B 192 -15.88 15.55 -12.26
CA THR B 192 -15.78 14.12 -12.05
C THR B 192 -17.07 13.37 -12.38
N GLY B 193 -18.02 14.03 -13.06
CA GLY B 193 -19.28 13.42 -13.42
C GLY B 193 -19.15 12.11 -14.17
N LYS B 194 -18.61 12.15 -15.39
CA LYS B 194 -18.43 10.92 -16.16
C LYS B 194 -17.27 10.09 -15.62
N VAL B 195 -16.31 10.72 -14.95
CA VAL B 195 -15.18 9.99 -14.39
C VAL B 195 -15.67 8.98 -13.36
N VAL B 196 -16.56 9.42 -12.45
CA VAL B 196 -17.12 8.52 -11.45
C VAL B 196 -17.87 7.37 -12.09
N TYR B 197 -18.44 7.58 -13.28
CA TYR B 197 -19.05 6.48 -14.01
C TYR B 197 -17.98 5.56 -14.60
N PHE B 198 -16.81 6.11 -14.92
CA PHE B 198 -15.74 5.36 -15.56
C PHE B 198 -14.68 4.88 -14.57
N THR B 199 -14.13 5.76 -13.74
CA THR B 199 -12.98 5.38 -12.92
C THR B 199 -13.35 4.39 -11.82
N ALA B 200 -14.64 4.16 -11.58
CA ALA B 200 -15.07 3.21 -10.57
C ALA B 200 -15.32 1.80 -11.11
N SER B 201 -15.44 1.64 -12.42
CA SER B 201 -15.70 0.34 -13.02
C SER B 201 -14.48 -0.26 -13.69
N LEU B 202 -13.55 0.57 -14.16
CA LEU B 202 -12.36 0.05 -14.82
C LEU B 202 -11.48 -0.80 -13.91
N PRO B 203 -11.18 -0.41 -12.66
CA PRO B 203 -10.41 -1.33 -11.80
C PRO B 203 -11.09 -2.67 -11.61
N TYR B 204 -12.42 -2.67 -11.44
CA TYR B 204 -13.14 -3.92 -11.27
C TYR B 204 -13.09 -4.76 -12.54
N CYS B 205 -13.18 -4.12 -13.71
CA CYS B 205 -13.09 -4.86 -14.96
C CYS B 205 -11.71 -5.50 -15.13
N VAL B 206 -10.66 -4.75 -14.82
CA VAL B 206 -9.31 -5.29 -14.96
C VAL B 206 -9.07 -6.43 -13.97
N LEU B 207 -9.53 -6.26 -12.74
CA LEU B 207 -9.39 -7.33 -11.75
C LEU B 207 -10.21 -8.55 -12.15
N ILE B 208 -11.36 -8.33 -12.81
CA ILE B 208 -12.16 -9.45 -13.29
C ILE B 208 -11.41 -10.21 -14.38
N ILE B 209 -10.76 -9.49 -15.30
CA ILE B 209 -9.99 -10.15 -16.34
C ILE B 209 -8.86 -10.97 -15.73
N TYR B 210 -8.12 -10.37 -14.80
CA TYR B 210 -7.01 -11.09 -14.18
C TYR B 210 -7.47 -12.22 -13.27
N LEU B 211 -8.70 -12.16 -12.75
CA LEU B 211 -9.28 -13.29 -12.03
C LEU B 211 -9.64 -14.42 -12.99
N ILE B 212 -10.18 -14.08 -14.17
CA ILE B 212 -10.45 -15.09 -15.18
C ILE B 212 -9.18 -15.80 -15.60
N ARG B 213 -8.09 -15.07 -15.80
CA ARG B 213 -6.79 -15.71 -16.02
C ARG B 213 -6.26 -16.35 -14.74
N GLY B 214 -6.39 -15.70 -13.60
CA GLY B 214 -5.76 -16.15 -12.38
C GLY B 214 -6.32 -17.41 -11.75
N LEU B 215 -7.54 -17.80 -12.08
CA LEU B 215 -8.15 -19.00 -11.49
C LEU B 215 -8.06 -20.21 -12.40
N THR B 216 -7.42 -20.09 -13.56
CA THR B 216 -7.23 -21.23 -14.44
C THR B 216 -5.78 -21.65 -14.56
N LEU B 217 -4.86 -21.00 -13.85
CA LEU B 217 -3.46 -21.38 -13.85
C LEU B 217 -3.26 -22.66 -13.04
N HIS B 218 -2.19 -23.38 -13.36
CA HIS B 218 -1.85 -24.56 -12.59
C HIS B 218 -1.50 -24.17 -11.17
N GLY B 219 -2.05 -24.91 -10.21
CA GLY B 219 -1.82 -24.62 -8.82
C GLY B 219 -2.38 -23.29 -8.36
N ALA B 220 -3.52 -22.88 -8.90
CA ALA B 220 -4.16 -21.66 -8.42
C ALA B 220 -4.82 -21.88 -7.06
N THR B 221 -5.30 -23.10 -6.81
CA THR B 221 -5.95 -23.39 -5.54
C THR B 221 -4.98 -23.35 -4.36
N ASN B 222 -3.69 -23.57 -4.60
CA ASN B 222 -2.72 -23.47 -3.52
C ASN B 222 -2.66 -22.06 -2.95
N GLY B 223 -2.69 -21.06 -3.82
CA GLY B 223 -2.68 -19.69 -3.34
C GLY B 223 -3.90 -19.35 -2.52
N LEU B 224 -5.07 -19.78 -2.98
CA LEU B 224 -6.30 -19.51 -2.23
C LEU B 224 -6.30 -20.24 -0.89
N MET B 225 -5.81 -21.48 -0.86
CA MET B 225 -5.74 -22.21 0.41
C MET B 225 -4.77 -21.54 1.38
N TYR B 226 -3.63 -21.07 0.88
CA TYR B 226 -2.71 -20.31 1.72
C TYR B 226 -3.37 -19.03 2.22
N MET B 227 -4.11 -18.35 1.35
CA MET B 227 -4.77 -17.11 1.71
C MET B 227 -5.81 -17.30 2.81
N PHE B 228 -6.62 -18.36 2.73
CA PHE B 228 -7.78 -18.49 3.60
C PHE B 228 -7.57 -19.43 4.77
N THR B 229 -6.35 -19.93 4.99
CA THR B 229 -6.10 -20.81 6.12
C THR B 229 -5.62 -20.00 7.31
N PRO B 230 -6.38 -19.94 8.40
CA PRO B 230 -5.97 -19.15 9.59
C PRO B 230 -5.07 -19.94 10.55
N LYS B 231 -3.77 -19.95 10.23
CA LYS B 231 -2.80 -20.65 11.06
C LYS B 231 -2.77 -20.06 12.47
N ILE B 232 -3.12 -20.87 13.46
CA ILE B 232 -3.20 -20.39 14.84
C ILE B 232 -1.81 -20.06 15.38
N GLU B 233 -0.78 -20.76 14.90
CA GLU B 233 0.56 -20.57 15.45
C GLU B 233 1.05 -19.14 15.25
N GLN B 234 0.84 -18.58 14.06
CA GLN B 234 1.23 -17.19 13.80
C GLN B 234 0.08 -16.21 13.99
N LEU B 235 -1.07 -16.67 14.47
CA LEU B 235 -2.17 -15.74 14.74
C LEU B 235 -1.95 -14.96 16.03
N ALA B 236 -1.01 -15.41 16.86
CA ALA B 236 -0.74 -14.76 18.13
C ALA B 236 0.23 -13.59 18.00
N ASN B 237 0.71 -13.29 16.80
CA ASN B 237 1.67 -12.21 16.62
C ASN B 237 0.97 -10.86 16.76
N PRO B 238 1.35 -10.02 17.73
CA PRO B 238 0.71 -8.71 17.84
C PRO B 238 0.93 -7.82 16.63
N LYS B 239 2.05 -8.01 15.92
CA LYS B 239 2.31 -7.19 14.74
C LYS B 239 1.25 -7.40 13.67
N ALA B 240 0.70 -8.61 13.56
CA ALA B 240 -0.36 -8.85 12.60
C ALA B 240 -1.60 -8.01 12.92
N TRP B 241 -2.00 -7.97 14.19
CA TRP B 241 -3.14 -7.17 14.59
C TRP B 241 -2.87 -5.69 14.37
N ILE B 242 -1.67 -5.22 14.72
CA ILE B 242 -1.31 -3.83 14.52
C ILE B 242 -1.41 -3.47 13.05
N ASN B 243 -0.82 -4.30 12.18
CA ASN B 243 -0.82 -4.01 10.76
C ASN B 243 -2.23 -4.05 10.19
N ALA B 244 -3.07 -4.97 10.68
CA ALA B 244 -4.46 -5.02 10.21
C ALA B 244 -5.20 -3.74 10.56
N ALA B 245 -5.09 -3.30 11.82
CA ALA B 245 -5.78 -2.08 12.23
C ALA B 245 -5.27 -0.87 11.45
N THR B 246 -3.95 -0.76 11.30
CA THR B 246 -3.38 0.40 10.63
C THR B 246 -3.71 0.39 9.15
N GLN B 247 -3.78 -0.78 8.53
CA GLN B 247 -4.19 -0.86 7.14
C GLN B 247 -5.66 -0.49 6.98
N ILE B 248 -6.50 -0.87 7.94
CA ILE B 248 -7.90 -0.45 7.89
C ILE B 248 -7.99 1.06 7.94
N PHE B 249 -7.24 1.67 8.86
CA PHE B 249 -7.27 3.12 9.01
C PHE B 249 -6.72 3.82 7.77
N PHE B 250 -5.64 3.27 7.19
CA PHE B 250 -4.99 3.86 6.03
C PHE B 250 -5.80 3.68 4.76
N SER B 251 -6.60 2.62 4.65
CA SER B 251 -7.44 2.37 3.50
C SER B 251 -8.76 3.12 3.55
N LEU B 252 -9.35 3.26 4.74
CA LEU B 252 -10.56 4.07 4.86
C LEU B 252 -10.25 5.56 4.87
N GLY B 253 -9.00 5.95 5.08
CA GLY B 253 -8.64 7.35 5.17
C GLY B 253 -8.85 7.96 6.53
N LEU B 254 -9.04 7.15 7.58
CA LEU B 254 -9.30 7.68 8.91
C LEU B 254 -8.06 8.34 9.47
N GLY B 255 -8.24 9.54 10.03
CA GLY B 255 -7.14 10.29 10.61
C GLY B 255 -6.53 11.33 9.70
N PHE B 256 -6.73 11.21 8.39
CA PHE B 256 -6.20 12.19 7.44
C PHE B 256 -6.99 13.49 7.43
N GLY B 257 -8.22 13.49 7.92
CA GLY B 257 -8.98 14.71 8.09
C GLY B 257 -9.75 15.18 6.87
N SER B 258 -9.64 14.48 5.73
CA SER B 258 -10.37 14.90 4.55
C SER B 258 -11.76 14.30 4.47
N LEU B 259 -12.01 13.19 5.18
CA LEU B 259 -13.37 12.66 5.26
C LEU B 259 -14.28 13.63 5.99
N ILE B 260 -13.78 14.29 7.04
CA ILE B 260 -14.55 15.30 7.74
C ILE B 260 -14.90 16.45 6.79
N ALA B 261 -13.95 16.88 5.97
CA ALA B 261 -14.21 17.94 5.01
C ALA B 261 -15.23 17.50 3.97
N PHE B 262 -15.13 16.26 3.49
CA PHE B 262 -16.10 15.76 2.52
C PHE B 262 -17.49 15.70 3.10
N ALA B 263 -17.63 15.22 4.33
CA ALA B 263 -18.94 15.17 4.97
C ALA B 263 -19.44 16.54 5.41
N SER B 264 -18.55 17.54 5.46
CA SER B 264 -18.97 18.89 5.84
C SER B 264 -19.88 19.51 4.79
N TYR B 265 -19.80 19.05 3.55
CA TYR B 265 -20.57 19.62 2.45
C TYR B 265 -21.89 18.89 2.22
N ASN B 266 -22.23 17.93 3.08
CA ASN B 266 -23.46 17.16 2.95
C ASN B 266 -24.57 17.80 3.79
N GLU B 267 -25.81 17.49 3.42
CA GLU B 267 -26.97 17.97 4.14
C GLU B 267 -27.04 17.31 5.51
N PRO B 268 -27.56 18.03 6.52
CA PRO B 268 -27.74 17.41 7.84
C PRO B 268 -28.91 16.45 7.91
N SER B 269 -29.83 16.48 6.95
CA SER B 269 -30.94 15.54 6.87
C SER B 269 -30.54 14.42 5.91
N ASN B 270 -29.50 13.69 6.29
CA ASN B 270 -28.97 12.60 5.48
C ASN B 270 -28.66 11.42 6.40
N ASN B 271 -28.72 10.22 5.85
CA ASN B 271 -28.43 9.00 6.60
C ASN B 271 -26.95 8.69 6.48
N CYS B 272 -26.18 8.98 7.53
CA CYS B 272 -24.75 8.68 7.59
C CYS B 272 -24.49 7.29 8.14
N GLN B 273 -25.51 6.62 8.66
CA GLN B 273 -25.40 5.23 9.07
C GLN B 273 -25.36 4.28 7.88
N LYS B 274 -26.14 4.56 6.84
CA LYS B 274 -26.11 3.75 5.63
C LYS B 274 -24.82 3.98 4.86
N HIS B 275 -24.44 5.24 4.68
CA HIS B 275 -23.29 5.56 3.84
C HIS B 275 -21.99 5.01 4.41
N ALA B 276 -21.78 5.15 5.72
CA ALA B 276 -20.55 4.63 6.33
C ALA B 276 -20.45 3.11 6.15
N ILE B 277 -21.56 2.41 6.41
CA ILE B 277 -21.58 0.96 6.25
C ILE B 277 -21.27 0.57 4.81
N ILE B 278 -21.91 1.24 3.86
CA ILE B 278 -21.71 0.89 2.45
C ILE B 278 -20.27 1.16 2.02
N VAL B 279 -19.71 2.31 2.43
CA VAL B 279 -18.34 2.62 2.05
C VAL B 279 -17.36 1.61 2.63
N SER B 280 -17.50 1.31 3.92
CA SER B 280 -16.57 0.37 4.55
C SER B 280 -16.68 -1.01 3.92
N LEU B 281 -17.91 -1.48 3.67
CA LEU B 281 -18.08 -2.79 3.05
C LEU B 281 -17.53 -2.83 1.64
N ILE B 282 -17.74 -1.77 0.85
CA ILE B 282 -17.20 -1.75 -0.52
C ILE B 282 -15.68 -1.76 -0.49
N ASN B 283 -15.08 -0.99 0.43
CA ASN B 283 -13.63 -0.99 0.55
C ASN B 283 -13.11 -2.37 0.91
N SER B 284 -13.76 -3.03 1.87
CA SER B 284 -13.35 -4.38 2.26
C SER B 284 -13.47 -5.36 1.10
N PHE B 285 -14.59 -5.29 0.37
CA PHE B 285 -14.80 -6.21 -0.74
C PHE B 285 -13.76 -6.00 -1.84
N THR B 286 -13.45 -4.74 -2.16
CA THR B 286 -12.43 -4.49 -3.17
C THR B 286 -11.07 -5.02 -2.73
N SER B 287 -10.70 -4.79 -1.46
CA SER B 287 -9.43 -5.30 -0.96
C SER B 287 -9.38 -6.83 -1.05
N ILE B 288 -10.46 -7.49 -0.62
CA ILE B 288 -10.50 -8.95 -0.63
C ILE B 288 -10.41 -9.48 -2.06
N PHE B 289 -11.12 -8.85 -3.00
CA PHE B 289 -11.10 -9.32 -4.38
C PHE B 289 -9.72 -9.16 -5.01
N ALA B 290 -9.11 -7.99 -4.84
CA ALA B 290 -7.78 -7.76 -5.40
C ALA B 290 -6.77 -8.73 -4.80
N SER B 291 -6.85 -8.94 -3.49
CA SER B 291 -5.94 -9.88 -2.84
C SER B 291 -6.20 -11.32 -3.28
N ILE B 292 -7.45 -11.66 -3.57
CA ILE B 292 -7.76 -13.00 -4.08
C ILE B 292 -7.07 -13.23 -5.41
N VAL B 293 -7.18 -12.27 -6.33
CA VAL B 293 -6.52 -12.41 -7.62
C VAL B 293 -5.00 -12.51 -7.44
N THR B 294 -4.45 -11.60 -6.63
CA THR B 294 -3.00 -11.59 -6.42
C THR B 294 -2.51 -12.91 -5.83
N PHE B 295 -3.25 -13.46 -4.87
CA PHE B 295 -2.83 -14.69 -4.23
C PHE B 295 -3.06 -15.92 -5.10
N SER B 296 -4.03 -15.88 -6.02
CA SER B 296 -4.13 -16.96 -7.00
C SER B 296 -2.88 -16.99 -7.87
N ILE B 297 -2.46 -15.83 -8.37
CA ILE B 297 -1.23 -15.80 -9.16
C ILE B 297 -0.02 -16.20 -8.32
N TYR B 298 0.01 -15.76 -7.06
CA TYR B 298 1.10 -16.11 -6.16
C TYR B 298 1.17 -17.61 -5.91
N GLY B 299 0.02 -18.25 -5.74
CA GLY B 299 -0.01 -19.69 -5.60
C GLY B 299 0.46 -20.41 -6.85
N PHE B 300 0.11 -19.88 -8.03
CA PHE B 300 0.68 -20.45 -9.24
C PHE B 300 2.20 -20.35 -9.23
N LYS B 301 2.74 -19.21 -8.80
CA LYS B 301 4.19 -19.05 -8.72
C LYS B 301 4.81 -20.07 -7.76
N ALA B 302 4.19 -20.25 -6.60
CA ALA B 302 4.72 -21.20 -5.62
C ALA B 302 4.69 -22.62 -6.14
N THR B 303 3.59 -23.01 -6.79
CA THR B 303 3.51 -24.34 -7.37
C THR B 303 4.56 -24.54 -8.45
N PHE B 304 4.78 -23.52 -9.29
CA PHE B 304 5.81 -23.63 -10.32
C PHE B 304 7.19 -23.80 -9.70
N ASN B 305 7.49 -23.05 -8.64
CA ASN B 305 8.79 -23.18 -7.98
C ASN B 305 8.97 -24.57 -7.38
N TYR B 306 7.92 -25.11 -6.75
CA TYR B 306 8.01 -26.45 -6.18
C TYR B 306 8.24 -27.49 -7.26
N GLU B 307 7.50 -27.41 -8.37
CA GLU B 307 7.69 -28.35 -9.47
C GLU B 307 9.07 -28.23 -10.06
N ASN B 308 9.59 -27.01 -10.19
CA ASN B 308 10.93 -26.82 -10.73
C ASN B 308 11.99 -27.44 -9.82
N CYS B 309 11.84 -27.28 -8.50
CA CYS B 309 12.81 -27.89 -7.60
C CYS B 309 12.75 -29.40 -7.68
N LEU B 310 11.55 -29.98 -7.73
CA LEU B 310 11.44 -31.43 -7.86
C LEU B 310 12.05 -31.93 -9.15
N LYS B 311 11.82 -31.22 -10.26
CA LYS B 311 12.42 -31.59 -11.53
C LYS B 311 13.94 -31.51 -11.48
N LYS B 312 14.48 -30.47 -10.84
CA LYS B 312 15.94 -30.35 -10.73
C LYS B 312 16.53 -31.49 -9.93
N VAL B 313 15.88 -31.86 -8.82
CA VAL B 313 16.39 -32.97 -8.01
C VAL B 313 16.31 -34.28 -8.79
N SER B 314 15.21 -34.51 -9.51
CA SER B 314 15.09 -35.72 -10.32
C SER B 314 16.17 -35.78 -11.39
N LEU B 315 16.43 -34.64 -12.05
CA LEU B 315 17.48 -34.61 -13.06
C LEU B 315 18.85 -34.88 -12.45
N LEU B 316 19.10 -34.33 -11.26
CA LEU B 316 20.37 -34.57 -10.58
C LEU B 316 20.56 -36.05 -10.27
N LEU B 317 19.52 -36.71 -9.76
CA LEU B 317 19.65 -38.14 -9.48
C LEU B 317 19.81 -38.95 -10.76
N THR B 318 19.07 -38.59 -11.81
CA THR B 318 19.09 -39.38 -13.04
C THR B 318 20.43 -39.28 -13.74
N ASN B 319 21.00 -38.07 -13.83
CA ASN B 319 22.28 -37.92 -14.49
C ASN B 319 23.42 -38.64 -13.78
N THR B 320 23.24 -39.01 -12.51
CA THR B 320 24.28 -39.67 -11.74
C THR B 320 24.09 -41.18 -11.62
N PHE B 321 22.88 -41.64 -11.33
CA PHE B 321 22.62 -43.07 -11.16
C PHE B 321 22.36 -43.79 -12.47
N ASP B 322 22.40 -43.09 -13.60
CA ASP B 322 22.13 -43.68 -14.91
C ASP B 322 20.77 -44.36 -14.93
N LEU B 323 19.77 -43.67 -14.38
CA LEU B 323 18.38 -44.09 -14.42
C LEU B 323 17.78 -43.70 -15.78
N GLU B 324 16.60 -44.25 -16.07
CA GLU B 324 15.95 -43.95 -17.33
C GLU B 324 15.50 -42.49 -17.37
N ASP B 325 15.15 -42.04 -18.57
CA ASP B 325 14.81 -40.63 -18.76
C ASP B 325 13.59 -40.23 -17.96
N GLY B 326 12.50 -41.00 -18.06
CA GLY B 326 11.28 -40.67 -17.36
C GLY B 326 10.99 -41.56 -16.18
N PHE B 327 11.97 -42.37 -15.77
CA PHE B 327 11.74 -43.31 -14.68
C PHE B 327 11.50 -42.58 -13.36
N LEU B 328 12.30 -41.56 -13.08
CA LEU B 328 12.24 -40.86 -11.80
C LEU B 328 11.26 -39.70 -11.92
N THR B 329 10.08 -39.85 -11.32
CA THR B 329 9.05 -38.83 -11.33
C THR B 329 8.79 -38.34 -9.90
N ALA B 330 7.90 -37.36 -9.79
CA ALA B 330 7.60 -36.78 -8.48
C ALA B 330 6.72 -37.69 -7.63
N SER B 331 6.06 -38.67 -8.23
CA SER B 331 5.18 -39.56 -7.46
C SER B 331 5.92 -40.74 -6.85
N ASN B 332 7.16 -40.97 -7.25
CA ASN B 332 7.96 -42.09 -6.75
C ASN B 332 9.35 -41.62 -6.37
N LEU B 333 9.45 -40.41 -5.80
CA LEU B 333 10.76 -39.83 -5.52
C LEU B 333 11.38 -40.43 -4.25
N GLU B 334 10.64 -40.42 -3.14
CA GLU B 334 11.18 -40.90 -1.89
C GLU B 334 11.51 -42.39 -1.95
N GLN B 335 10.63 -43.19 -2.55
CA GLN B 335 10.86 -44.63 -2.65
C GLN B 335 12.11 -44.93 -3.47
N VAL B 336 12.26 -44.25 -4.60
CA VAL B 336 13.44 -44.50 -5.43
C VAL B 336 14.70 -43.97 -4.74
N LYS B 337 14.59 -42.90 -3.97
CA LYS B 337 15.74 -42.42 -3.21
C LYS B 337 16.18 -43.46 -2.18
N GLY B 338 15.22 -44.05 -1.47
CA GLY B 338 15.54 -45.10 -0.53
C GLY B 338 16.15 -46.32 -1.21
N TYR B 339 15.59 -46.70 -2.36
CA TYR B 339 16.13 -47.84 -3.10
C TYR B 339 17.57 -47.59 -3.53
N LEU B 340 17.84 -46.39 -4.05
CA LEU B 340 19.21 -46.05 -4.47
C LEU B 340 20.15 -46.01 -3.28
N ALA B 341 19.71 -45.46 -2.15
CA ALA B 341 20.57 -45.43 -0.96
C ALA B 341 20.88 -46.83 -0.48
N SER B 342 19.89 -47.73 -0.49
CA SER B 342 20.11 -49.10 -0.07
C SER B 342 20.99 -49.86 -1.06
N ALA B 343 20.94 -49.50 -2.35
CA ALA B 343 21.75 -50.21 -3.35
C ALA B 343 23.23 -50.08 -3.04
N TYR B 344 23.72 -48.86 -2.86
CA TYR B 344 25.11 -48.60 -2.52
C TYR B 344 25.28 -47.24 -1.86
N PRO B 345 25.73 -47.19 -0.60
CA PRO B 345 25.81 -45.91 0.11
C PRO B 345 27.04 -45.08 -0.24
N SER B 346 28.09 -45.69 -0.78
CA SER B 346 29.32 -44.96 -1.06
C SER B 346 29.08 -43.85 -2.07
N LYS B 347 28.34 -44.15 -3.14
CA LYS B 347 28.05 -43.14 -4.16
C LYS B 347 27.05 -42.12 -3.63
N TYR B 348 26.03 -42.57 -2.90
CA TYR B 348 25.02 -41.66 -2.38
C TYR B 348 25.57 -40.67 -1.37
N SER B 349 26.63 -41.05 -0.64
CA SER B 349 27.16 -40.18 0.40
C SER B 349 27.71 -38.87 -0.18
N GLU B 350 28.23 -38.91 -1.41
CA GLU B 350 28.90 -37.74 -1.97
C GLU B 350 27.95 -36.57 -2.19
N MET B 351 26.76 -36.82 -2.73
CA MET B 351 25.84 -35.77 -3.13
C MET B 351 24.70 -35.56 -2.15
N PHE B 352 24.70 -36.25 -1.01
CA PHE B 352 23.57 -36.13 -0.09
C PHE B 352 23.38 -34.70 0.39
N PRO B 353 24.42 -33.95 0.77
CA PRO B 353 24.25 -32.51 0.93
C PRO B 353 23.60 -31.81 -0.26
N GLN B 354 23.92 -32.23 -1.49
CA GLN B 354 23.46 -31.52 -2.68
C GLN B 354 21.97 -31.70 -2.94
N ILE B 355 21.40 -32.85 -2.58
CA ILE B 355 19.96 -33.07 -2.76
C ILE B 355 19.20 -32.12 -1.84
N LYS B 356 18.31 -31.33 -2.43
CA LYS B 356 17.61 -30.26 -1.72
C LYS B 356 16.19 -30.70 -1.39
N ASN B 357 15.73 -30.33 -0.19
CA ASN B 357 14.36 -30.58 0.23
C ASN B 357 13.52 -29.37 -0.14
N CYS B 358 12.43 -29.59 -0.86
CA CYS B 358 11.48 -28.54 -1.19
C CYS B 358 10.05 -29.02 -0.95
N SER B 359 9.24 -28.13 -0.38
CA SER B 359 7.84 -28.41 -0.10
C SER B 359 7.01 -27.18 -0.46
N LEU B 360 5.71 -27.41 -0.66
CA LEU B 360 4.83 -26.32 -1.06
C LEU B 360 4.75 -25.24 0.01
N GLU B 361 4.77 -25.64 1.29
CA GLU B 361 4.56 -24.67 2.35
C GLU B 361 5.67 -23.63 2.38
N SER B 362 6.93 -24.07 2.40
CA SER B 362 8.05 -23.14 2.50
C SER B 362 8.11 -22.23 1.28
N GLU B 363 7.85 -22.78 0.09
CA GLU B 363 7.79 -21.94 -1.10
C GLU B 363 6.68 -20.90 -0.97
N LEU B 364 5.54 -21.31 -0.41
CA LEU B 364 4.44 -20.37 -0.22
C LEU B 364 4.83 -19.23 0.72
N ASP B 365 5.54 -19.54 1.82
CA ASP B 365 5.97 -18.44 2.68
C ASP B 365 7.01 -17.56 2.00
N THR B 366 7.96 -18.14 1.26
CA THR B 366 9.10 -17.37 0.77
C THR B 366 9.22 -17.36 -0.75
N ALA B 367 8.11 -17.39 -1.48
CA ALA B 367 8.20 -17.23 -2.92
C ALA B 367 8.48 -15.78 -3.27
N VAL B 368 7.54 -14.90 -2.96
CA VAL B 368 7.67 -13.46 -3.19
C VAL B 368 7.19 -12.75 -1.93
N GLN B 369 7.95 -11.76 -1.48
CA GLN B 369 7.55 -10.97 -0.33
C GLN B 369 8.22 -9.61 -0.41
N GLY B 370 7.54 -8.60 0.13
CA GLY B 370 8.01 -7.24 0.12
C GLY B 370 6.98 -6.30 -0.46
N THR B 371 7.37 -5.03 -0.58
CA THR B 371 6.47 -4.01 -1.11
C THR B 371 6.29 -4.10 -2.61
N GLY B 372 7.01 -4.98 -3.29
CA GLY B 372 6.85 -5.14 -4.71
C GLY B 372 6.06 -6.38 -5.08
N LEU B 373 5.31 -6.92 -4.12
CA LEU B 373 4.59 -8.16 -4.38
C LEU B 373 3.59 -8.02 -5.51
N ALA B 374 2.83 -6.92 -5.51
CA ALA B 374 1.83 -6.72 -6.55
C ALA B 374 2.48 -6.62 -7.93
N PHE B 375 3.54 -5.83 -8.04
CA PHE B 375 4.18 -5.65 -9.34
C PHE B 375 4.78 -6.95 -9.86
N ILE B 376 5.51 -7.66 -9.00
CA ILE B 376 6.14 -8.91 -9.41
C ILE B 376 5.08 -9.94 -9.82
N VAL B 377 4.06 -10.10 -8.99
CA VAL B 377 3.03 -11.10 -9.25
C VAL B 377 2.29 -10.79 -10.55
N TYR B 378 1.92 -9.52 -10.75
CA TYR B 378 1.13 -9.20 -11.93
C TYR B 378 1.98 -9.19 -13.19
N THR B 379 3.27 -8.84 -13.11
CA THR B 379 4.14 -8.99 -14.26
C THR B 379 4.30 -10.46 -14.63
N GLU B 380 4.41 -11.33 -13.62
CA GLU B 380 4.45 -12.76 -13.90
C GLU B 380 3.17 -13.20 -14.60
N ALA B 381 2.02 -12.75 -14.11
CA ALA B 381 0.76 -13.11 -14.75
C ALA B 381 0.68 -12.58 -16.17
N ILE B 382 1.18 -11.38 -16.41
CA ILE B 382 1.17 -10.79 -17.75
C ILE B 382 2.04 -11.61 -18.70
N LYS B 383 3.20 -12.06 -18.23
CA LYS B 383 4.10 -12.80 -19.11
C LYS B 383 3.53 -14.15 -19.51
N ASN B 384 2.44 -14.60 -18.88
CA ASN B 384 1.78 -15.84 -19.23
C ASN B 384 0.47 -15.60 -20.00
N MET B 385 0.31 -14.41 -20.56
CA MET B 385 -0.87 -14.09 -21.35
C MET B 385 -0.58 -14.35 -22.83
N GLU B 386 -1.55 -14.02 -23.69
CA GLU B 386 -1.37 -14.17 -25.13
C GLU B 386 -0.82 -12.89 -25.75
N VAL B 387 -1.55 -11.78 -25.60
CA VAL B 387 -1.06 -10.46 -25.97
C VAL B 387 -0.66 -9.79 -24.65
N SER B 388 0.59 -10.00 -24.25
CA SER B 388 1.04 -9.50 -22.95
C SER B 388 1.02 -7.98 -22.90
N GLN B 389 1.33 -7.32 -24.01
CA GLN B 389 1.45 -5.87 -24.02
C GLN B 389 0.12 -5.20 -23.67
N LEU B 390 -0.98 -5.67 -24.28
CA LEU B 390 -2.26 -5.02 -24.04
C LEU B 390 -2.70 -5.16 -22.59
N TRP B 391 -2.58 -6.36 -22.02
CA TRP B 391 -2.96 -6.57 -20.63
C TRP B 391 -2.05 -5.83 -19.66
N SER B 392 -0.74 -5.77 -19.94
CA SER B 392 0.15 -4.97 -19.10
C SER B 392 -0.23 -3.50 -19.12
N VAL B 393 -0.52 -2.96 -20.31
CA VAL B 393 -0.94 -1.57 -20.40
C VAL B 393 -2.23 -1.36 -19.61
N LEU B 394 -3.20 -2.26 -19.77
CA LEU B 394 -4.48 -2.09 -19.09
C LEU B 394 -4.32 -2.13 -17.58
N TYR B 395 -3.55 -3.09 -17.06
CA TYR B 395 -3.39 -3.19 -15.60
C TYR B 395 -2.61 -2.01 -15.03
N PHE B 396 -1.50 -1.65 -15.65
CA PHE B 396 -0.69 -0.55 -15.13
C PHE B 396 -1.29 0.81 -15.45
N PHE B 397 -2.36 0.85 -16.26
CA PHE B 397 -3.16 2.06 -16.38
C PHE B 397 -4.24 2.13 -15.33
N MET B 398 -4.87 1.01 -14.99
CA MET B 398 -5.80 0.98 -13.86
C MET B 398 -5.10 1.40 -12.57
N LEU B 399 -3.90 0.84 -12.34
CA LEU B 399 -3.15 1.18 -11.14
C LEU B 399 -2.81 2.66 -11.12
N LEU B 400 -2.46 3.21 -12.28
CA LEU B 400 -2.16 4.65 -12.38
C LEU B 400 -3.38 5.50 -12.05
N MET B 401 -4.56 5.12 -12.56
CA MET B 401 -5.77 5.87 -12.22
C MET B 401 -6.05 5.83 -10.72
N LEU B 402 -5.92 4.64 -10.11
CA LEU B 402 -6.18 4.54 -8.68
C LEU B 402 -5.21 5.41 -7.88
N GLY B 403 -3.91 5.33 -8.21
CA GLY B 403 -2.93 6.14 -7.50
C GLY B 403 -3.15 7.62 -7.69
N ILE B 404 -3.49 8.04 -8.91
CA ILE B 404 -3.69 9.46 -9.19
C ILE B 404 -4.90 9.98 -8.44
N GLY B 405 -5.99 9.22 -8.41
CA GLY B 405 -7.16 9.63 -7.65
C GLY B 405 -6.89 9.76 -6.16
N SER B 406 -6.22 8.75 -5.60
CA SER B 406 -5.90 8.79 -4.17
C SER B 406 -5.01 9.98 -3.86
N MET B 407 -4.05 10.27 -4.74
CA MET B 407 -3.15 11.39 -4.48
C MET B 407 -3.86 12.72 -4.65
N LEU B 408 -4.82 12.80 -5.59
CA LEU B 408 -5.62 14.01 -5.70
C LEU B 408 -6.36 14.27 -4.39
N GLY B 409 -6.96 13.22 -3.82
CA GLY B 409 -7.60 13.37 -2.53
C GLY B 409 -6.66 13.81 -1.42
N ASN B 410 -5.51 13.16 -1.32
CA ASN B 410 -4.56 13.48 -0.26
C ASN B 410 -4.03 14.90 -0.41
N THR B 411 -3.71 15.31 -1.64
CA THR B 411 -3.17 16.65 -1.84
C THR B 411 -4.24 17.71 -1.65
N ALA B 412 -5.49 17.39 -1.96
CA ALA B 412 -6.57 18.31 -1.61
C ALA B 412 -6.66 18.49 -0.11
N ALA B 413 -6.55 17.39 0.64
CA ALA B 413 -6.51 17.47 2.11
C ALA B 413 -5.33 18.31 2.60
N ILE B 414 -4.18 18.19 1.95
CA ILE B 414 -3.00 18.98 2.29
C ILE B 414 -3.25 20.47 2.02
N LEU B 415 -3.84 20.77 0.87
CA LEU B 415 -3.83 22.13 0.34
C LEU B 415 -4.98 22.98 0.86
N THR B 416 -6.12 22.36 1.18
CA THR B 416 -7.27 23.14 1.62
C THR B 416 -6.95 24.03 2.83
N PRO B 417 -6.28 23.54 3.88
CA PRO B 417 -5.88 24.48 4.95
C PRO B 417 -4.98 25.61 4.48
N LEU B 418 -4.08 25.34 3.52
CA LEU B 418 -3.19 26.39 3.03
C LEU B 418 -3.96 27.45 2.26
N THR B 419 -4.87 27.02 1.37
CA THR B 419 -5.68 27.98 0.63
C THR B 419 -6.60 28.77 1.55
N ASP B 420 -7.18 28.11 2.56
CA ASP B 420 -8.10 28.78 3.47
C ASP B 420 -7.40 29.80 4.35
N SER B 421 -6.08 29.77 4.44
CA SER B 421 -5.34 30.74 5.26
C SER B 421 -5.19 32.02 4.45
N LYS B 422 -5.82 33.10 4.94
CA LYS B 422 -5.76 34.38 4.22
C LYS B 422 -4.36 34.99 4.24
N ILE B 423 -3.51 34.58 5.19
CA ILE B 423 -2.15 35.13 5.24
C ILE B 423 -1.37 34.74 4.00
N ILE B 424 -1.48 33.48 3.58
CA ILE B 424 -0.79 33.01 2.38
C ILE B 424 -1.56 33.35 1.12
N SER B 425 -2.89 33.24 1.17
CA SER B 425 -3.72 33.50 0.00
C SER B 425 -3.66 34.95 -0.47
N SER B 426 -3.23 35.86 0.39
CA SER B 426 -3.14 37.28 0.02
C SER B 426 -1.78 37.65 -0.57
N HIS B 427 -0.87 36.69 -0.70
CA HIS B 427 0.47 36.95 -1.24
C HIS B 427 0.77 36.20 -2.52
N LEU B 428 0.36 34.95 -2.64
CA LEU B 428 0.64 34.15 -3.83
C LEU B 428 -0.66 33.54 -4.34
N PRO B 429 -0.76 33.35 -5.66
CA PRO B 429 -1.93 32.67 -6.22
C PRO B 429 -1.98 31.22 -5.78
N LYS B 430 -3.20 30.67 -5.76
CA LYS B 430 -3.34 29.25 -5.47
C LYS B 430 -2.59 28.38 -6.46
N GLU B 431 -2.51 28.81 -7.73
CA GLU B 431 -1.74 28.07 -8.72
C GLU B 431 -0.26 28.01 -8.36
N ALA B 432 0.25 29.03 -7.67
CA ALA B 432 1.63 29.02 -7.19
C ALA B 432 1.78 28.27 -5.88
N ILE B 433 0.77 28.32 -5.00
CA ILE B 433 0.83 27.58 -3.74
C ILE B 433 0.86 26.08 -4.01
N SER B 434 -0.02 25.61 -4.90
CA SER B 434 -0.02 24.20 -5.27
C SER B 434 1.30 23.81 -5.92
N GLY B 435 1.83 24.68 -6.78
CA GLY B 435 3.11 24.39 -7.41
C GLY B 435 4.24 24.27 -6.41
N LEU B 436 4.27 25.17 -5.42
CA LEU B 436 5.31 25.10 -4.39
C LEU B 436 5.17 23.83 -3.56
N VAL B 437 3.94 23.45 -3.21
CA VAL B 437 3.74 22.23 -2.44
C VAL B 437 4.23 21.02 -3.23
N CYS B 438 3.85 20.95 -4.52
CA CYS B 438 4.27 19.82 -5.35
C CYS B 438 5.78 19.80 -5.52
N LEU B 439 6.40 20.97 -5.69
CA LEU B 439 7.85 21.03 -5.84
C LEU B 439 8.56 20.56 -4.59
N VAL B 440 8.09 21.00 -3.41
CA VAL B 440 8.71 20.56 -2.17
C VAL B 440 8.56 19.06 -2.00
N ASN B 441 7.37 18.53 -2.27
CA ASN B 441 7.16 17.09 -2.13
C ASN B 441 8.04 16.30 -3.09
N CYS B 442 8.14 16.72 -4.35
CA CYS B 442 8.95 16.02 -5.32
C CYS B 442 10.44 16.10 -4.99
N ALA B 443 10.90 17.27 -4.53
CA ALA B 443 12.31 17.41 -4.18
C ALA B 443 12.67 16.56 -2.97
N ILE B 444 11.79 16.51 -1.97
CA ILE B 444 12.10 15.70 -0.80
C ILE B 444 11.98 14.21 -1.12
N GLY B 445 11.06 13.83 -2.01
CA GLY B 445 10.86 12.42 -2.32
C GLY B 445 11.95 11.82 -3.17
N MET B 446 12.99 12.58 -3.50
CA MET B 446 14.11 12.03 -4.24
C MET B 446 14.94 11.05 -3.41
N VAL B 447 14.75 11.03 -2.09
CA VAL B 447 15.49 10.09 -1.25
C VAL B 447 15.00 8.67 -1.49
N PHE B 448 13.82 8.50 -2.07
CA PHE B 448 13.30 7.18 -2.40
C PHE B 448 13.81 6.66 -3.73
N THR B 449 14.56 7.46 -4.49
CA THR B 449 15.10 7.06 -5.78
C THR B 449 16.55 6.64 -5.71
N MET B 450 17.17 6.66 -4.53
CA MET B 450 18.55 6.24 -4.40
C MET B 450 18.67 4.72 -4.57
N GLU B 451 19.91 4.23 -4.53
CA GLU B 451 20.13 2.79 -4.60
C GLU B 451 19.52 2.10 -3.39
N ALA B 452 19.69 2.67 -2.20
CA ALA B 452 19.06 2.18 -0.99
C ALA B 452 17.76 2.90 -0.68
N GLY B 453 17.07 3.37 -1.70
CA GLY B 453 15.84 4.11 -1.51
C GLY B 453 14.67 3.23 -1.16
N ASN B 454 14.72 1.96 -1.55
CA ASN B 454 13.63 1.05 -1.22
C ASN B 454 13.52 0.83 0.28
N TYR B 455 14.64 0.89 0.99
CA TYR B 455 14.59 0.74 2.45
C TYR B 455 13.95 1.96 3.11
N TRP B 456 14.23 3.15 2.59
CA TRP B 456 13.55 4.34 3.11
C TRP B 456 12.07 4.33 2.77
N PHE B 457 11.72 3.82 1.59
CA PHE B 457 10.31 3.61 1.27
C PHE B 457 9.67 2.61 2.22
N ASP B 458 10.40 1.56 2.59
CA ASP B 458 9.93 0.61 3.59
C ASP B 458 9.68 1.29 4.93
N ILE B 459 10.60 2.16 5.35
CA ILE B 459 10.43 2.87 6.61
C ILE B 459 9.19 3.75 6.56
N PHE B 460 9.02 4.52 5.48
CA PHE B 460 7.89 5.43 5.39
C PHE B 460 6.56 4.71 5.22
N ASN B 461 6.54 3.59 4.50
CA ASN B 461 5.31 2.83 4.32
C ASN B 461 4.85 2.16 5.61
N ASP B 462 5.74 1.99 6.58
CA ASP B 462 5.40 1.30 7.82
C ASP B 462 5.37 2.20 9.04
N TYR B 463 5.83 3.44 8.95
CA TYR B 463 5.84 4.29 10.13
C TYR B 463 5.34 5.70 9.91
N ALA B 464 5.34 6.21 8.68
CA ALA B 464 4.94 7.59 8.44
C ALA B 464 3.46 7.79 8.74
N ALA B 465 2.61 6.91 8.22
CA ALA B 465 1.17 7.03 8.42
C ALA B 465 0.59 5.73 8.95
N THR B 466 1.21 5.15 9.98
CA THR B 466 0.78 3.85 10.48
C THR B 466 0.23 3.94 11.89
N LEU B 467 1.04 4.40 12.85
CA LEU B 467 0.58 4.47 14.23
C LEU B 467 0.02 5.84 14.58
N SER B 468 0.50 6.87 13.88
CA SER B 468 -0.06 8.20 14.07
C SER B 468 -1.54 8.23 13.71
N LEU B 469 -1.93 7.46 12.69
CA LEU B 469 -3.35 7.34 12.36
C LEU B 469 -4.15 6.72 13.49
N LEU B 470 -3.57 5.81 14.27
CA LEU B 470 -4.24 5.29 15.46
C LEU B 470 -4.36 6.32 16.55
N LEU B 471 -3.28 7.07 16.84
CA LEU B 471 -3.34 8.01 17.96
C LEU B 471 -4.25 9.19 17.63
N ILE B 472 -4.22 9.67 16.39
CA ILE B 472 -5.11 10.77 15.99
C ILE B 472 -6.56 10.38 16.19
N VAL B 473 -6.93 9.17 15.75
CA VAL B 473 -8.30 8.71 15.86
C VAL B 473 -8.68 8.47 17.32
N LEU B 474 -7.76 7.95 18.14
CA LEU B 474 -8.03 7.82 19.56
C LEU B 474 -8.36 9.17 20.19
N VAL B 475 -7.52 10.18 19.92
CA VAL B 475 -7.80 11.51 20.46
C VAL B 475 -9.12 12.05 19.95
N GLU B 476 -9.43 11.85 18.67
CA GLU B 476 -10.69 12.35 18.11
C GLU B 476 -11.90 11.71 18.79
N THR B 477 -11.86 10.39 18.99
CA THR B 477 -13.03 9.72 19.57
C THR B 477 -13.19 10.06 21.05
N ILE B 478 -12.07 10.19 21.78
CA ILE B 478 -12.18 10.66 23.16
C ILE B 478 -12.73 12.07 23.21
N ALA B 479 -12.31 12.92 22.27
CA ALA B 479 -12.82 14.28 22.21
C ALA B 479 -14.32 14.30 21.99
N VAL B 480 -14.80 13.50 21.03
CA VAL B 480 -16.22 13.50 20.70
C VAL B 480 -17.04 12.94 21.86
N CYS B 481 -16.57 11.86 22.47
CA CYS B 481 -17.39 11.18 23.47
C CYS B 481 -17.36 11.90 24.82
N TYR B 482 -16.17 12.20 25.34
CA TYR B 482 -16.04 12.63 26.73
C TYR B 482 -15.90 14.14 26.90
N VAL B 483 -15.15 14.81 26.03
CA VAL B 483 -14.97 16.25 26.18
C VAL B 483 -16.21 17.00 25.73
N TYR B 484 -16.71 16.68 24.54
CA TYR B 484 -17.92 17.34 24.04
C TYR B 484 -19.16 16.85 24.78
N GLY B 485 -19.19 15.57 25.16
CA GLY B 485 -20.36 15.00 25.79
C GLY B 485 -21.19 14.19 24.81
N LEU B 486 -21.22 12.87 24.99
CA LEU B 486 -21.90 12.01 24.02
C LEU B 486 -23.41 12.25 24.02
N ARG B 487 -23.99 12.61 25.16
CA ARG B 487 -25.41 12.91 25.19
C ARG B 487 -25.73 14.14 24.35
N ARG B 488 -24.92 15.19 24.47
CA ARG B 488 -25.13 16.40 23.67
C ARG B 488 -24.97 16.12 22.18
N PHE B 489 -23.93 15.34 21.83
CA PHE B 489 -23.71 14.99 20.44
C PHE B 489 -24.87 14.17 19.89
N GLU B 490 -25.37 13.21 20.67
CA GLU B 490 -26.49 12.40 20.22
C GLU B 490 -27.75 13.24 20.04
N SER B 491 -28.00 14.17 20.97
CA SER B 491 -29.16 15.04 20.83
C SER B 491 -29.05 15.92 19.59
N ASP B 492 -27.86 16.48 19.35
CA ASP B 492 -27.64 17.29 18.16
C ASP B 492 -27.87 16.49 16.89
N LEU B 493 -27.31 15.27 16.83
CA LEU B 493 -27.50 14.42 15.67
C LEU B 493 -28.95 14.02 15.46
N LYS B 494 -29.67 13.70 16.54
CA LYS B 494 -31.08 13.36 16.43
C LYS B 494 -31.89 14.54 15.90
N ALA B 495 -31.61 15.74 16.40
CA ALA B 495 -32.29 16.92 15.88
C ALA B 495 -31.94 17.15 14.42
N MET B 496 -30.71 16.82 14.02
CA MET B 496 -30.29 17.03 12.64
C MET B 496 -30.96 16.06 11.68
N THR B 497 -31.11 14.79 12.07
CA THR B 497 -31.59 13.76 11.14
C THR B 497 -32.89 13.09 11.59
N GLY B 498 -33.44 13.47 12.73
CA GLY B 498 -34.71 12.91 13.16
C GLY B 498 -34.59 11.59 13.89
N ARG B 499 -33.50 10.86 13.65
CA ARG B 499 -33.27 9.56 14.26
C ARG B 499 -32.08 9.62 15.20
N ALA B 500 -32.26 9.13 16.41
CA ALA B 500 -31.18 9.07 17.39
C ALA B 500 -30.19 7.97 17.01
N VAL B 501 -28.92 8.17 17.36
CA VAL B 501 -27.89 7.18 17.07
C VAL B 501 -28.23 5.86 17.74
N SER B 502 -27.98 4.76 17.04
CA SER B 502 -28.27 3.45 17.59
C SER B 502 -27.38 3.17 18.80
N TRP B 503 -27.85 2.28 19.67
CA TRP B 503 -27.09 1.94 20.86
C TRP B 503 -25.77 1.26 20.52
N TYR B 504 -25.75 0.47 19.44
CA TYR B 504 -24.51 -0.18 19.03
C TYR B 504 -23.44 0.83 18.69
N TRP B 505 -23.79 1.86 17.93
CA TRP B 505 -22.80 2.88 17.57
C TRP B 505 -22.32 3.65 18.79
N LYS B 506 -23.20 3.95 19.74
CA LYS B 506 -22.76 4.60 20.97
C LYS B 506 -21.79 3.70 21.73
N VAL B 507 -22.09 2.41 21.82
CA VAL B 507 -21.20 1.48 22.52
C VAL B 507 -19.83 1.44 21.86
N MET B 508 -19.80 1.36 20.53
CA MET B 508 -18.51 1.26 19.84
C MET B 508 -17.75 2.59 19.90
N TRP B 509 -18.45 3.72 19.89
CA TRP B 509 -17.77 5.00 20.00
C TRP B 509 -17.14 5.18 21.38
N ALA B 510 -17.92 4.96 22.44
CA ALA B 510 -17.49 5.35 23.76
C ALA B 510 -16.38 4.46 24.31
N GLY B 511 -16.62 3.16 24.41
CA GLY B 511 -15.70 2.30 25.11
C GLY B 511 -14.90 1.31 24.30
N VAL B 512 -15.51 0.70 23.28
CA VAL B 512 -14.91 -0.49 22.68
C VAL B 512 -13.73 -0.11 21.79
N SER B 513 -13.94 0.82 20.86
CA SER B 513 -12.86 1.18 19.94
C SER B 513 -11.66 1.81 20.62
N PRO B 514 -11.81 2.79 21.51
CA PRO B 514 -10.63 3.30 22.23
C PRO B 514 -9.91 2.25 23.06
N LEU B 515 -10.66 1.36 23.72
CA LEU B 515 -10.02 0.31 24.51
C LEU B 515 -9.24 -0.65 23.62
N LEU B 516 -9.80 -1.02 22.47
CA LEU B 516 -9.06 -1.89 21.56
C LEU B 516 -7.82 -1.20 21.00
N ILE B 517 -7.91 0.09 20.68
CA ILE B 517 -6.73 0.81 20.19
C ILE B 517 -5.65 0.87 21.27
N VAL B 518 -6.05 1.15 22.51
CA VAL B 518 -5.08 1.22 23.60
C VAL B 518 -4.44 -0.15 23.83
N SER B 519 -5.24 -1.22 23.80
CA SER B 519 -4.69 -2.55 23.97
C SER B 519 -3.70 -2.89 22.85
N LEU B 520 -4.04 -2.52 21.62
CA LEU B 520 -3.13 -2.77 20.51
C LEU B 520 -1.81 -2.01 20.69
N PHE B 521 -1.90 -0.76 21.11
CA PHE B 521 -0.69 0.03 21.33
C PHE B 521 0.16 -0.59 22.43
N VAL B 522 -0.47 -1.03 23.52
CA VAL B 522 0.27 -1.63 24.62
C VAL B 522 0.96 -2.91 24.18
N PHE B 523 0.24 -3.75 23.42
CA PHE B 523 0.81 -5.00 22.94
C PHE B 523 1.99 -4.74 22.01
N TYR B 524 1.84 -3.78 21.11
CA TYR B 524 2.93 -3.46 20.19
C TYR B 524 4.16 -2.95 20.94
N LEU B 525 3.96 -2.06 21.91
CA LEU B 525 5.09 -1.54 22.68
C LEU B 525 5.77 -2.66 23.47
N SER B 526 4.99 -3.53 24.09
CA SER B 526 5.57 -4.63 24.86
C SER B 526 6.36 -5.56 23.95
N ASP B 527 5.81 -5.89 22.78
CA ASP B 527 6.53 -6.76 21.85
C ASP B 527 7.83 -6.13 21.39
N TYR B 528 7.80 -4.82 21.06
CA TYR B 528 9.02 -4.15 20.62
C TYR B 528 10.06 -4.13 21.74
N ILE B 529 9.63 -3.86 22.97
CA ILE B 529 10.57 -3.83 24.09
C ILE B 529 11.18 -5.20 24.33
N LEU B 530 10.35 -6.25 24.32
CA LEU B 530 10.85 -7.60 24.58
C LEU B 530 11.81 -8.05 23.48
N THR B 531 11.47 -7.77 22.22
CA THR B 531 12.35 -8.16 21.13
C THR B 531 13.65 -7.35 21.15
N GLY B 532 13.53 -6.02 21.28
CA GLY B 532 14.70 -5.17 21.42
C GLY B 532 15.58 -5.08 20.19
N THR B 533 15.09 -5.53 19.03
CA THR B 533 15.86 -5.52 17.79
C THR B 533 14.88 -5.39 16.62
N LEU B 534 14.76 -4.17 16.10
CA LEU B 534 13.90 -3.95 14.94
C LEU B 534 14.66 -4.32 13.67
N LYS B 535 14.02 -5.13 12.82
CA LYS B 535 14.68 -5.71 11.65
C LYS B 535 13.91 -5.34 10.39
N TYR B 536 14.62 -5.37 9.27
CA TYR B 536 14.04 -5.10 7.96
C TYR B 536 14.53 -6.11 6.94
N GLN B 537 13.74 -6.30 5.89
CA GLN B 537 14.11 -7.22 4.83
C GLN B 537 15.04 -6.53 3.84
N ALA B 538 16.07 -7.27 3.40
CA ALA B 538 17.05 -6.76 2.45
C ALA B 538 17.28 -7.81 1.38
N TRP B 539 17.43 -7.36 0.13
CA TRP B 539 17.64 -8.27 -0.97
C TRP B 539 19.06 -8.84 -0.95
N ASP B 540 19.18 -10.11 -1.31
CA ASP B 540 20.45 -10.82 -1.38
C ASP B 540 20.49 -11.46 -2.76
N ALA B 541 21.22 -10.82 -3.67
CA ALA B 541 21.30 -11.30 -5.04
C ALA B 541 22.12 -12.58 -5.13
N SER B 542 23.18 -12.69 -4.31
CA SER B 542 23.99 -13.90 -4.30
C SER B 542 23.17 -15.09 -3.83
N GLN B 543 22.37 -14.91 -2.78
CA GLN B 543 21.40 -15.92 -2.38
C GLN B 543 20.08 -15.75 -3.12
N GLY B 544 19.86 -14.59 -3.73
CA GLY B 544 18.68 -14.35 -4.55
C GLY B 544 17.36 -14.41 -3.81
N GLN B 545 17.34 -13.94 -2.57
CA GLN B 545 16.13 -13.95 -1.75
C GLN B 545 16.18 -12.75 -0.81
N LEU B 546 15.42 -12.81 0.29
CA LEU B 546 15.36 -11.73 1.26
C LEU B 546 15.90 -12.22 2.59
N VAL B 547 16.75 -11.40 3.22
CA VAL B 547 17.34 -11.70 4.51
C VAL B 547 16.95 -10.61 5.50
N THR B 548 17.01 -10.92 6.79
CA THR B 548 16.64 -9.95 7.82
C THR B 548 17.90 -9.30 8.37
N LYS B 549 17.90 -7.97 8.43
CA LYS B 549 19.02 -7.21 8.95
C LYS B 549 18.53 -6.19 9.97
N ASP B 550 19.34 -5.97 11.00
CA ASP B 550 18.99 -5.00 12.02
C ASP B 550 19.09 -3.58 11.48
N TYR B 551 18.18 -2.72 11.92
CA TYR B 551 18.22 -1.32 11.51
C TYR B 551 19.46 -0.64 12.09
N PRO B 552 20.13 0.21 11.32
CA PRO B 552 21.28 0.95 11.87
C PRO B 552 20.85 2.01 12.87
N ALA B 553 21.83 2.70 13.47
CA ALA B 553 21.52 3.70 14.47
C ALA B 553 20.76 4.89 13.91
N TYR B 554 21.16 5.38 12.73
CA TYR B 554 20.52 6.56 12.15
C TYR B 554 19.15 6.27 11.56
N ALA B 555 18.82 5.01 11.29
CA ALA B 555 17.51 4.67 10.76
C ALA B 555 16.42 4.66 11.82
N LEU B 556 16.80 4.46 13.09
CA LEU B 556 15.83 4.51 14.16
C LEU B 556 15.41 5.95 14.49
N ALA B 557 16.32 6.91 14.29
CA ALA B 557 15.97 8.31 14.54
C ALA B 557 14.87 8.78 13.60
N VAL B 558 14.99 8.47 12.31
CA VAL B 558 13.97 8.86 11.34
C VAL B 558 12.65 8.15 11.64
N ILE B 559 12.73 6.87 11.97
CA ILE B 559 11.54 6.10 12.30
C ILE B 559 10.82 6.72 13.50
N GLY B 560 11.58 7.11 14.52
CA GLY B 560 10.97 7.73 15.69
C GLY B 560 10.38 9.10 15.37
N LEU B 561 11.11 9.91 14.59
CA LEU B 561 10.67 11.27 14.31
C LEU B 561 9.41 11.30 13.47
N LEU B 562 9.30 10.40 12.49
CA LEU B 562 8.12 10.38 11.63
C LEU B 562 6.84 10.25 12.43
N VAL B 563 6.80 9.30 13.37
CA VAL B 563 5.64 9.16 14.24
C VAL B 563 5.57 10.29 15.25
N ALA B 564 6.71 10.68 15.82
CA ALA B 564 6.71 11.57 16.97
C ALA B 564 6.20 12.95 16.60
N SER B 565 6.62 13.48 15.45
CA SER B 565 6.19 14.83 15.07
C SER B 565 4.67 14.90 14.98
N SER B 566 4.08 13.99 14.19
CA SER B 566 2.63 14.02 13.97
C SER B 566 1.86 13.75 15.25
N THR B 567 2.32 12.78 16.06
CA THR B 567 1.58 12.45 17.27
C THR B 567 1.71 13.56 18.33
N MET B 568 2.93 14.03 18.57
CA MET B 568 3.22 15.03 19.58
C MET B 568 2.75 16.43 19.17
N CYS B 569 2.36 16.62 17.92
CA CYS B 569 1.76 17.90 17.54
C CYS B 569 0.50 18.23 18.34
N ILE B 570 -0.15 17.25 18.94
CA ILE B 570 -1.35 17.50 19.75
C ILE B 570 -0.97 18.05 21.11
N PRO B 571 -0.17 17.36 21.94
CA PRO B 571 0.13 17.90 23.28
C PRO B 571 0.82 19.25 23.25
N LEU B 572 1.66 19.50 22.24
CA LEU B 572 2.35 20.78 22.16
C LEU B 572 1.37 21.93 22.00
N ALA B 573 0.33 21.75 21.18
CA ALA B 573 -0.67 22.80 21.02
C ALA B 573 -1.42 23.05 22.32
N ALA B 574 -1.70 21.99 23.08
CA ALA B 574 -2.36 22.17 24.37
C ALA B 574 -1.49 22.97 25.32
N LEU B 575 -0.20 22.66 25.37
CA LEU B 575 0.72 23.42 26.21
C LEU B 575 0.80 24.87 25.76
N GLY B 576 0.83 25.12 24.45
CA GLY B 576 0.84 26.49 23.96
C GLY B 576 -0.42 27.24 24.33
N THR B 577 -1.58 26.59 24.22
CA THR B 577 -2.83 27.23 24.61
C THR B 577 -2.85 27.54 26.11
N PHE B 578 -2.36 26.62 26.93
CA PHE B 578 -2.30 26.86 28.37
C PHE B 578 -1.38 28.04 28.67
N VAL B 579 -0.23 28.12 27.99
CA VAL B 579 0.67 29.25 28.18
C VAL B 579 0.00 30.55 27.76
N GLN B 580 -0.70 30.54 26.63
CA GLN B 580 -1.40 31.73 26.15
C GLN B 580 -2.46 32.19 27.15
N ARG B 581 -3.18 31.24 27.74
CA ARG B 581 -4.18 31.60 28.76
C ARG B 581 -3.51 32.20 29.98
N ARG B 582 -2.38 31.65 30.40
CA ARG B 582 -1.65 32.17 31.56
C ARG B 582 -0.58 33.17 31.13
#